data_1TJH
#
_entry.id   1TJH
#
_cell.length_a   58.286
_cell.length_b   63.522
_cell.length_c   178.935
_cell.angle_alpha   90.00
_cell.angle_beta   90.00
_cell.angle_gamma   90.00
#
_symmetry.space_group_name_H-M   'P 21 21 21'
#
loop_
_entity.id
_entity.type
_entity.pdbx_description
1 polymer 'anti-HIV-1 antibody 2F5 Light Chain'
2 polymer 'anti-HIV-1 antibody 2F5 Heavy Chain'
3 polymer 'Envelope glycoprotein GP41'
4 non-polymer 'ISOPROPYL ALCOHOL'
5 non-polymer 1,2-ETHANEDIOL
6 water water
#
loop_
_entity_poly.entity_id
_entity_poly.type
_entity_poly.pdbx_seq_one_letter_code
_entity_poly.pdbx_strand_id
1 'polypeptide(L)'
;ALQLTQSPSSLSASVGDRITITCRASQGVTSALAWYRQKPGSPPQLLIYDASSLESGVPSRFSGSGSGTEFTLTISTLRP
EDFATYYCQQLHFYPHTFGGGTRVDVRRTVAAPSVFIFPPSDEQLKSGTASVVCLLNNFYPREAKVQWKVDNALQSGNSQ
ESVTEQDSKDSTYSLSSTLTLSKADYEKHKVYACEVTHQGLSSPVTKSFNRGE(YCM)
;
L
2 'polypeptide(L)'
;RITLKESGPPLVKPTQTLTLTCSFSGFSLSDFGVGVGWIRQPPGKALEWLAIIYSDDDKRYSPSLNTRLTITKDTSKNQV
VLVMTRVSPVDTATYFCAHRRGPTTLFGVPIARGPVNAMDVWGQGITVTISSTSTKGPSVFPLAPSSKSTSGGTAALGCL
VKDYFPEPVTVSWNSGALTSGVHTFPAVLQSSGLYSLSSVVTVPSSSLGTQTYICNVNHKPSNTKVDKKVEPKS(YCM)D
K
;
H
3 'polypeptide(L)' (ACE)LLELDKWASLW(NH2) P
#
# COMPACT_ATOMS: atom_id res chain seq x y z
N ALA A 1 6.07 13.66 -19.23
CA ALA A 1 4.67 13.12 -19.17
C ALA A 1 3.74 14.15 -18.53
N LEU A 2 2.46 14.09 -18.90
CA LEU A 2 1.48 15.02 -18.34
C LEU A 2 1.32 14.73 -16.85
N GLN A 3 1.42 15.78 -16.03
CA GLN A 3 1.29 15.63 -14.59
C GLN A 3 -0.10 15.92 -14.05
N LEU A 4 -0.57 15.01 -13.20
CA LEU A 4 -1.87 15.13 -12.56
C LEU A 4 -1.66 15.30 -11.08
N THR A 5 -2.28 16.32 -10.49
CA THR A 5 -2.14 16.58 -9.06
C THR A 5 -3.49 16.45 -8.36
N GLN A 6 -3.62 15.41 -7.55
CA GLN A 6 -4.86 15.17 -6.81
C GLN A 6 -4.80 15.87 -5.46
N SER A 7 -5.96 16.30 -4.98
CA SER A 7 -6.03 16.98 -3.69
C SER A 7 -7.44 16.93 -3.11
N PRO A 8 -7.55 16.71 -1.80
CA PRO A 8 -6.40 16.52 -0.92
C PRO A 8 -5.82 15.12 -1.06
N SER A 9 -4.63 14.92 -0.50
CA SER A 9 -3.97 13.62 -0.55
C SER A 9 -4.69 12.70 0.40
N SER A 10 -5.18 13.28 1.49
CA SER A 10 -5.89 12.51 2.50
C SER A 10 -7.09 13.29 3.00
N LEU A 11 -8.16 12.59 3.31
CA LEU A 11 -9.38 13.21 3.76
C LEU A 11 -10.11 12.31 4.74
N SER A 12 -10.65 12.92 5.80
CA SER A 12 -11.42 12.18 6.79
C SER A 12 -12.85 12.65 6.71
N ALA A 13 -13.80 11.72 6.73
CA ALA A 13 -15.19 12.07 6.64
C ALA A 13 -16.07 11.06 7.37
N SER A 14 -17.36 11.34 7.41
CA SER A 14 -18.31 10.46 8.10
C SER A 14 -19.40 10.00 7.14
N VAL A 15 -19.99 8.86 7.45
CA VAL A 15 -21.07 8.33 6.63
C VAL A 15 -22.12 9.42 6.46
N GLY A 16 -22.65 9.55 5.25
CA GLY A 16 -23.65 10.56 5.00
C GLY A 16 -23.04 11.90 4.60
N ASP A 17 -21.72 12.02 4.67
CA ASP A 17 -21.08 13.27 4.30
C ASP A 17 -21.01 13.48 2.78
N ARG A 18 -20.69 14.72 2.40
CA ARG A 18 -20.55 15.12 1.01
C ARG A 18 -19.09 15.54 0.85
N ILE A 19 -18.36 14.85 -0.02
CA ILE A 19 -16.96 15.16 -0.24
C ILE A 19 -16.67 15.45 -1.72
N THR A 20 -15.62 16.24 -1.95
CA THR A 20 -15.22 16.59 -3.30
C THR A 20 -13.71 16.52 -3.42
N ILE A 21 -13.24 15.78 -4.42
CA ILE A 21 -11.82 15.62 -4.69
C ILE A 21 -11.51 16.28 -6.02
N THR A 22 -10.37 16.98 -6.11
CA THR A 22 -10.02 17.62 -7.37
C THR A 22 -8.74 17.06 -7.95
N CYS A 23 -8.58 17.23 -9.25
CA CYS A 23 -7.42 16.74 -9.99
C CYS A 23 -7.06 17.85 -10.97
N ARG A 24 -5.83 18.34 -10.88
CA ARG A 24 -5.36 19.39 -11.77
C ARG A 24 -4.31 18.84 -12.71
N ALA A 25 -4.46 19.11 -14.00
CA ALA A 25 -3.52 18.62 -15.00
C ALA A 25 -2.53 19.71 -15.40
N SER A 26 -1.29 19.31 -15.65
CA SER A 26 -0.24 20.24 -16.04
C SER A 26 -0.62 21.01 -17.31
N GLN A 27 -1.60 20.47 -18.04
CA GLN A 27 -2.12 21.12 -19.24
C GLN A 27 -3.42 20.46 -19.67
N GLY A 28 -4.12 21.08 -20.60
CA GLY A 28 -5.40 20.56 -21.07
C GLY A 28 -5.41 19.15 -21.60
N VAL A 29 -6.38 18.37 -21.14
CA VAL A 29 -6.55 16.99 -21.58
C VAL A 29 -8.00 16.82 -22.02
N THR A 30 -8.59 17.94 -22.43
CA THR A 30 -9.98 18.01 -22.88
C THR A 30 -10.87 17.34 -21.83
N SER A 31 -11.63 16.33 -22.22
CA SER A 31 -12.50 15.64 -21.27
C SER A 31 -12.02 14.22 -20.99
N ALA A 32 -10.81 13.90 -21.44
CA ALA A 32 -10.26 12.55 -21.28
C ALA A 32 -9.72 12.32 -19.87
N LEU A 33 -10.63 12.25 -18.90
CA LEU A 33 -10.25 12.06 -17.50
C LEU A 33 -11.21 11.07 -16.86
N ALA A 34 -10.67 10.10 -16.14
CA ALA A 34 -11.49 9.09 -15.47
C ALA A 34 -11.22 9.03 -13.95
N TRP A 35 -12.21 8.59 -13.18
CA TRP A 35 -12.08 8.45 -11.73
C TRP A 35 -12.33 7.01 -11.31
N TYR A 36 -11.51 6.52 -10.37
CA TYR A 36 -11.66 5.16 -9.89
C TYR A 36 -11.67 5.11 -8.37
N ARG A 37 -12.28 4.07 -7.84
CA ARG A 37 -12.34 3.86 -6.40
C ARG A 37 -11.61 2.53 -6.15
N GLN A 38 -10.69 2.52 -5.20
CA GLN A 38 -9.98 1.28 -4.89
C GLN A 38 -10.02 0.91 -3.41
N LYS A 39 -10.64 -0.23 -3.13
CA LYS A 39 -10.75 -0.73 -1.76
C LYS A 39 -9.47 -1.51 -1.47
N PRO A 40 -9.06 -1.56 -0.19
CA PRO A 40 -7.85 -2.28 0.20
C PRO A 40 -7.85 -3.73 -0.29
N GLY A 41 -6.74 -4.15 -0.88
CA GLY A 41 -6.63 -5.51 -1.39
C GLY A 41 -7.50 -5.81 -2.60
N SER A 42 -7.97 -4.77 -3.29
CA SER A 42 -8.81 -4.95 -4.48
C SER A 42 -8.33 -4.07 -5.63
N PRO A 43 -8.76 -4.39 -6.86
CA PRO A 43 -8.35 -3.59 -8.02
C PRO A 43 -9.19 -2.33 -8.12
N PRO A 44 -8.73 -1.35 -8.92
CA PRO A 44 -9.49 -0.11 -9.07
C PRO A 44 -10.84 -0.42 -9.71
N GLN A 45 -11.83 0.43 -9.44
CA GLN A 45 -13.16 0.27 -10.00
C GLN A 45 -13.53 1.59 -10.68
N LEU A 46 -13.99 1.54 -11.91
CA LEU A 46 -14.36 2.74 -12.64
C LEU A 46 -15.63 3.40 -12.10
N LEU A 47 -15.55 4.71 -11.89
CA LEU A 47 -16.69 5.47 -11.41
C LEU A 47 -17.18 6.41 -12.52
N ILE A 48 -16.29 7.31 -12.92
CA ILE A 48 -16.58 8.30 -13.95
C ILE A 48 -15.63 8.16 -15.13
N TYR A 49 -16.17 8.27 -16.35
CA TYR A 49 -15.34 8.23 -17.56
C TYR A 49 -15.60 9.51 -18.36
N ASP A 50 -14.63 9.91 -19.16
CA ASP A 50 -14.76 11.10 -19.98
C ASP A 50 -15.16 12.33 -19.15
N ALA A 51 -14.54 12.45 -17.98
CA ALA A 51 -14.76 13.56 -17.05
C ALA A 51 -16.07 13.70 -16.29
N SER A 52 -17.21 13.42 -16.93
CA SER A 52 -18.47 13.56 -16.21
C SER A 52 -19.49 12.47 -16.47
N SER A 53 -19.15 11.49 -17.28
CA SER A 53 -20.10 10.42 -17.56
C SER A 53 -20.10 9.37 -16.46
N LEU A 54 -21.28 9.01 -15.99
CA LEU A 54 -21.42 8.02 -14.93
C LEU A 54 -21.39 6.61 -15.51
N GLU A 55 -20.42 5.81 -15.05
CA GLU A 55 -20.29 4.44 -15.55
C GLU A 55 -21.55 3.65 -15.19
N SER A 56 -22.06 2.91 -16.16
CA SER A 56 -23.25 2.11 -15.97
C SER A 56 -23.09 1.21 -14.73
N GLY A 57 -24.11 1.18 -13.88
CA GLY A 57 -24.04 0.37 -12.69
C GLY A 57 -23.44 1.05 -11.47
N VAL A 58 -22.95 2.27 -11.64
CA VAL A 58 -22.37 3.00 -10.52
C VAL A 58 -23.45 3.86 -9.86
N PRO A 59 -23.53 3.85 -8.51
CA PRO A 59 -24.52 4.62 -7.76
C PRO A 59 -24.58 6.07 -8.18
N SER A 60 -25.79 6.62 -8.17
CA SER A 60 -26.03 8.00 -8.55
C SER A 60 -25.33 8.99 -7.64
N ARG A 61 -24.91 8.55 -6.46
CA ARG A 61 -24.24 9.47 -5.55
C ARG A 61 -22.91 9.97 -6.10
N PHE A 62 -22.36 9.26 -7.09
CA PHE A 62 -21.09 9.69 -7.68
C PHE A 62 -21.33 10.57 -8.91
N SER A 63 -20.57 11.66 -9.02
CA SER A 63 -20.68 12.55 -10.17
C SER A 63 -19.32 13.17 -10.42
N GLY A 64 -19.07 13.60 -11.65
CA GLY A 64 -17.80 14.20 -11.98
C GLY A 64 -18.00 15.43 -12.82
N SER A 65 -17.03 16.34 -12.79
CA SER A 65 -17.11 17.57 -13.55
C SER A 65 -15.75 18.09 -13.96
N GLY A 66 -15.74 18.95 -14.96
CA GLY A 66 -14.49 19.54 -15.43
C GLY A 66 -14.19 19.26 -16.88
N SER A 67 -13.26 20.04 -17.43
CA SER A 67 -12.84 19.88 -18.82
C SER A 67 -11.68 20.84 -19.00
N GLY A 68 -10.55 20.32 -19.47
CA GLY A 68 -9.38 21.14 -19.66
C GLY A 68 -8.28 20.77 -18.69
N THR A 69 -8.19 21.51 -17.59
CA THR A 69 -7.14 21.28 -16.60
C THR A 69 -7.63 21.11 -15.16
N GLU A 70 -8.89 21.37 -14.90
CA GLU A 70 -9.46 21.24 -13.55
C GLU A 70 -10.60 20.24 -13.53
N PHE A 71 -10.55 19.28 -12.62
CA PHE A 71 -11.60 18.28 -12.53
C PHE A 71 -11.96 17.96 -11.10
N THR A 72 -13.23 17.61 -10.88
CA THR A 72 -13.66 17.24 -9.55
C THR A 72 -14.53 16.02 -9.56
N LEU A 73 -14.44 15.27 -8.47
CA LEU A 73 -15.23 14.07 -8.28
C LEU A 73 -16.03 14.38 -7.01
N THR A 74 -17.34 14.14 -7.05
CA THR A 74 -18.15 14.41 -5.88
C THR A 74 -19.01 13.23 -5.47
N ILE A 75 -19.07 12.97 -4.16
CA ILE A 75 -19.89 11.90 -3.62
C ILE A 75 -20.93 12.59 -2.75
N SER A 76 -22.15 12.71 -3.27
CA SER A 76 -23.22 13.38 -2.55
C SER A 76 -23.37 12.90 -1.12
N THR A 77 -23.54 11.59 -0.94
CA THR A 77 -23.71 10.99 0.38
C THR A 77 -22.75 9.84 0.59
N LEU A 78 -21.74 10.06 1.43
CA LEU A 78 -20.74 9.05 1.71
C LEU A 78 -21.35 7.78 2.32
N ARG A 79 -21.00 6.64 1.73
CA ARG A 79 -21.48 5.33 2.18
C ARG A 79 -20.29 4.58 2.78
N PRO A 80 -20.56 3.61 3.68
CA PRO A 80 -19.48 2.85 4.31
C PRO A 80 -18.50 2.21 3.32
N GLU A 81 -19.00 1.69 2.21
CA GLU A 81 -18.12 1.08 1.22
C GLU A 81 -17.34 2.13 0.43
N ASP A 82 -17.53 3.40 0.76
CA ASP A 82 -16.83 4.46 0.05
C ASP A 82 -15.52 4.92 0.69
N PHE A 83 -15.20 4.40 1.88
CA PHE A 83 -13.95 4.79 2.50
C PHE A 83 -12.91 3.96 1.78
N ALA A 84 -12.13 4.62 0.94
CA ALA A 84 -11.13 3.94 0.15
C ALA A 84 -10.23 4.97 -0.47
N THR A 85 -9.48 4.56 -1.49
CA THR A 85 -8.58 5.47 -2.17
C THR A 85 -9.13 5.73 -3.57
N TYR A 86 -9.08 6.99 -3.99
CA TYR A 86 -9.58 7.36 -5.30
C TYR A 86 -8.45 7.89 -6.16
N TYR A 87 -8.50 7.59 -7.45
CA TYR A 87 -7.48 8.05 -8.38
C TYR A 87 -8.10 8.63 -9.64
N CYS A 88 -7.41 9.61 -10.22
CA CYS A 88 -7.85 10.18 -11.49
C CYS A 88 -6.83 9.69 -12.51
N GLN A 89 -7.24 9.64 -13.77
CA GLN A 89 -6.35 9.20 -14.85
C GLN A 89 -6.71 9.97 -16.10
N GLN A 90 -5.71 10.44 -16.82
CA GLN A 90 -5.97 11.15 -18.06
C GLN A 90 -5.55 10.23 -19.20
N LEU A 91 -6.38 10.19 -20.24
CA LEU A 91 -6.10 9.36 -21.41
C LEU A 91 -6.07 10.20 -22.67
N HIS A 92 -5.68 11.47 -22.53
CA HIS A 92 -5.61 12.37 -23.69
C HIS A 92 -4.22 12.33 -24.32
N PHE A 93 -3.20 12.15 -23.48
CA PHE A 93 -1.81 12.07 -23.94
C PHE A 93 -1.18 10.76 -23.51
N TYR A 94 -0.17 10.32 -24.26
CA TYR A 94 0.59 9.13 -23.89
C TYR A 94 1.80 9.73 -23.17
N PRO A 95 2.26 9.12 -22.08
CA PRO A 95 1.71 7.90 -21.50
C PRO A 95 0.49 8.29 -20.68
N HIS A 96 -0.47 7.38 -20.55
CA HIS A 96 -1.62 7.70 -19.75
C HIS A 96 -1.00 7.77 -18.35
N THR A 97 -1.47 8.72 -17.55
CA THR A 97 -0.93 8.90 -16.22
C THR A 97 -2.04 8.99 -15.17
N PHE A 98 -1.70 8.60 -13.95
CA PHE A 98 -2.64 8.63 -12.85
C PHE A 98 -2.23 9.68 -11.82
N GLY A 99 -3.20 10.14 -11.03
CA GLY A 99 -2.90 11.10 -10.00
C GLY A 99 -2.32 10.31 -8.83
N GLY A 100 -1.86 11.00 -7.80
CA GLY A 100 -1.27 10.34 -6.64
C GLY A 100 -2.25 9.64 -5.73
N GLY A 101 -3.54 9.85 -5.94
CA GLY A 101 -4.55 9.20 -5.12
C GLY A 101 -5.00 10.02 -3.92
N THR A 102 -6.21 9.73 -3.45
CA THR A 102 -6.77 10.42 -2.29
C THR A 102 -7.40 9.38 -1.37
N ARG A 103 -6.84 9.18 -0.18
CA ARG A 103 -7.41 8.20 0.74
C ARG A 103 -8.48 8.85 1.62
N VAL A 104 -9.59 8.15 1.80
CA VAL A 104 -10.72 8.63 2.59
C VAL A 104 -10.96 7.67 3.75
N ASP A 105 -10.72 8.12 4.98
CA ASP A 105 -10.93 7.26 6.15
C ASP A 105 -12.03 7.78 7.07
N VAL A 106 -12.49 6.90 7.96
CA VAL A 106 -13.55 7.25 8.90
C VAL A 106 -13.02 8.23 9.93
N ARG A 107 -13.63 9.40 10.02
CA ARG A 107 -13.16 10.40 10.96
C ARG A 107 -13.69 10.23 12.38
N ARG A 108 -12.94 10.79 13.33
CA ARG A 108 -13.29 10.75 14.74
C ARG A 108 -12.55 11.85 15.47
N THR A 109 -12.78 11.95 16.77
CA THR A 109 -12.13 12.97 17.57
C THR A 109 -10.63 12.69 17.60
N VAL A 110 -9.84 13.75 17.55
CA VAL A 110 -8.39 13.60 17.60
C VAL A 110 -8.02 12.74 18.80
N ALA A 111 -6.93 12.00 18.67
CA ALA A 111 -6.46 11.14 19.75
C ALA A 111 -4.96 10.99 19.65
N ALA A 112 -4.26 11.58 20.61
CA ALA A 112 -2.81 11.50 20.65
C ALA A 112 -2.43 10.05 20.86
N PRO A 113 -1.25 9.65 20.38
CA PRO A 113 -0.83 8.26 20.55
C PRO A 113 -0.17 8.00 21.89
N SER A 114 -0.28 6.77 22.37
CA SER A 114 0.39 6.38 23.60
C SER A 114 1.72 5.89 23.03
N VAL A 115 2.82 6.46 23.50
CA VAL A 115 4.13 6.07 22.99
C VAL A 115 4.88 5.13 23.94
N PHE A 116 5.29 3.99 23.42
CA PHE A 116 6.03 3.00 24.20
C PHE A 116 7.31 2.69 23.46
N ILE A 117 8.39 2.44 24.21
CA ILE A 117 9.65 2.10 23.58
C ILE A 117 10.14 0.80 24.17
N PHE A 118 10.78 0.00 23.32
CA PHE A 118 11.28 -1.31 23.71
C PHE A 118 12.76 -1.49 23.38
N PRO A 119 13.63 -1.57 24.39
CA PRO A 119 15.03 -1.75 24.05
C PRO A 119 15.20 -3.16 23.47
N PRO A 120 16.31 -3.44 22.80
CA PRO A 120 16.52 -4.77 22.22
C PRO A 120 16.57 -5.88 23.27
N SER A 121 16.27 -7.10 22.84
CA SER A 121 16.27 -8.25 23.74
C SER A 121 17.69 -8.83 23.87
N ASP A 122 17.98 -9.38 25.04
CA ASP A 122 19.28 -9.99 25.27
C ASP A 122 19.47 -11.07 24.22
N GLU A 123 18.37 -11.70 23.81
CA GLU A 123 18.40 -12.74 22.80
C GLU A 123 18.98 -12.20 21.49
N GLN A 124 18.45 -11.09 21.00
CA GLN A 124 18.93 -10.52 19.75
C GLN A 124 20.35 -10.00 19.88
N LEU A 125 20.64 -9.28 20.97
CA LEU A 125 21.99 -8.75 21.18
C LEU A 125 23.01 -9.87 21.04
N LYS A 126 22.67 -11.05 21.53
CA LYS A 126 23.56 -12.20 21.46
C LYS A 126 23.78 -12.66 20.02
N SER A 127 22.81 -12.37 19.15
CA SER A 127 22.93 -12.76 17.75
C SER A 127 23.76 -11.77 16.94
N GLY A 128 24.10 -10.65 17.56
CA GLY A 128 24.92 -9.66 16.87
C GLY A 128 24.25 -8.35 16.47
N THR A 129 22.94 -8.28 16.58
CA THR A 129 22.25 -7.04 16.20
C THR A 129 21.38 -6.50 17.32
N ALA A 130 21.03 -5.22 17.19
CA ALA A 130 20.21 -4.56 18.19
C ALA A 130 19.10 -3.74 17.53
N SER A 131 17.85 -4.16 17.75
CA SER A 131 16.72 -3.45 17.20
C SER A 131 15.95 -2.78 18.33
N VAL A 132 15.71 -1.48 18.18
CA VAL A 132 14.97 -0.73 19.19
C VAL A 132 13.60 -0.39 18.57
N VAL A 133 12.53 -0.68 19.30
CA VAL A 133 11.19 -0.42 18.80
C VAL A 133 10.43 0.66 19.55
N CYS A 134 9.78 1.53 18.77
CA CYS A 134 8.98 2.62 19.31
C CYS A 134 7.57 2.33 18.82
N LEU A 135 6.61 2.33 19.73
CA LEU A 135 5.23 2.04 19.38
C LEU A 135 4.31 3.23 19.68
N LEU A 136 3.50 3.60 18.69
CA LEU A 136 2.54 4.68 18.82
C LEU A 136 1.19 3.99 18.74
N ASN A 137 0.49 3.93 19.88
CA ASN A 137 -0.77 3.22 19.93
C ASN A 137 -2.07 4.04 19.88
N ASN A 138 -3.03 3.51 19.11
CA ASN A 138 -4.35 4.10 18.94
C ASN A 138 -4.45 5.62 18.83
N PHE A 139 -4.00 6.17 17.70
CA PHE A 139 -4.05 7.61 17.50
C PHE A 139 -4.88 7.97 16.26
N TYR A 140 -5.15 9.27 16.10
CA TYR A 140 -5.91 9.80 14.97
C TYR A 140 -5.77 11.32 14.94
N PRO A 141 -5.63 11.92 13.75
CA PRO A 141 -5.58 11.31 12.42
C PRO A 141 -4.36 10.42 12.18
N ARG A 142 -4.20 9.96 10.94
CA ARG A 142 -3.12 9.06 10.56
C ARG A 142 -1.72 9.69 10.47
N GLU A 143 -1.66 10.97 10.11
CA GLU A 143 -0.39 11.65 9.99
C GLU A 143 0.36 11.67 11.32
N ALA A 144 1.63 11.26 11.28
CA ALA A 144 2.46 11.23 12.47
C ALA A 144 3.91 11.20 12.04
N LYS A 145 4.77 11.77 12.87
CA LYS A 145 6.20 11.82 12.57
C LYS A 145 7.03 11.26 13.73
N VAL A 146 7.93 10.34 13.42
CA VAL A 146 8.79 9.73 14.42
C VAL A 146 10.25 9.93 14.02
N GLN A 147 11.05 10.43 14.96
CA GLN A 147 12.47 10.63 14.74
C GLN A 147 13.27 9.89 15.79
N TRP A 148 14.37 9.26 15.38
CA TRP A 148 15.23 8.53 16.30
C TRP A 148 16.46 9.34 16.67
N LYS A 149 16.71 9.48 17.98
CA LYS A 149 17.87 10.21 18.48
C LYS A 149 18.71 9.30 19.37
N VAL A 150 19.98 9.13 19.02
CA VAL A 150 20.89 8.30 19.81
C VAL A 150 21.98 9.22 20.35
N ASP A 151 21.87 9.56 21.63
CA ASP A 151 22.82 10.47 22.26
C ASP A 151 22.79 11.79 21.52
N ASN A 152 21.58 12.26 21.24
CA ASN A 152 21.35 13.54 20.54
C ASN A 152 21.63 13.51 19.04
N ALA A 153 22.08 12.39 18.51
CA ALA A 153 22.35 12.29 17.08
C ALA A 153 21.14 11.78 16.32
N LEU A 154 20.71 12.54 15.31
CA LEU A 154 19.56 12.14 14.51
C LEU A 154 19.93 10.94 13.66
N GLN A 155 19.11 9.89 13.74
CA GLN A 155 19.35 8.68 12.97
C GLN A 155 18.56 8.73 11.66
N SER A 156 19.25 8.51 10.55
CA SER A 156 18.62 8.52 9.24
C SER A 156 19.11 7.37 8.37
N GLY A 157 18.17 6.67 7.75
CA GLY A 157 18.54 5.56 6.89
C GLY A 157 18.67 4.22 7.59
N ASN A 158 18.50 4.19 8.90
CA ASN A 158 18.60 2.93 9.63
C ASN A 158 17.35 2.58 10.44
N SER A 159 16.20 3.08 10.01
CA SER A 159 14.95 2.79 10.69
C SER A 159 13.82 2.70 9.69
N GLN A 160 12.87 1.82 9.97
CA GLN A 160 11.73 1.64 9.10
C GLN A 160 10.46 1.61 9.94
N GLU A 161 9.35 2.07 9.38
CA GLU A 161 8.11 2.07 10.12
C GLU A 161 7.00 1.37 9.38
N SER A 162 5.98 0.96 10.13
CA SER A 162 4.84 0.26 9.59
C SER A 162 3.60 0.84 10.27
N VAL A 163 2.50 0.93 9.54
CA VAL A 163 1.25 1.47 10.09
C VAL A 163 0.11 0.50 9.84
N THR A 164 -0.79 0.35 10.82
CA THR A 164 -1.91 -0.57 10.66
C THR A 164 -3.03 0.08 9.86
N GLU A 165 -4.04 -0.70 9.53
CA GLU A 165 -5.20 -0.18 8.80
C GLU A 165 -6.06 0.48 9.88
N GLN A 166 -6.92 1.40 9.48
CA GLN A 166 -7.77 2.07 10.46
C GLN A 166 -8.57 1.00 11.21
N ASP A 167 -8.63 1.13 12.54
CA ASP A 167 -9.34 0.17 13.36
C ASP A 167 -10.84 0.19 13.12
N SER A 168 -11.41 -0.97 12.86
CA SER A 168 -12.85 -1.08 12.59
C SER A 168 -13.73 -0.74 13.79
N LYS A 169 -13.13 -0.55 14.96
CA LYS A 169 -13.89 -0.22 16.16
C LYS A 169 -13.72 1.23 16.62
N ASP A 170 -12.52 1.59 17.05
CA ASP A 170 -12.28 2.96 17.52
C ASP A 170 -11.79 3.90 16.44
N SER A 171 -11.62 3.38 15.22
CA SER A 171 -11.17 4.18 14.09
C SER A 171 -9.80 4.82 14.28
N THR A 172 -8.94 4.16 15.04
CA THR A 172 -7.60 4.69 15.27
C THR A 172 -6.56 3.89 14.49
N TYR A 173 -5.34 4.42 14.46
CA TYR A 173 -4.21 3.79 13.79
C TYR A 173 -3.13 3.53 14.83
N SER A 174 -2.21 2.63 14.52
CA SER A 174 -1.09 2.34 15.41
C SER A 174 0.12 2.29 14.49
N LEU A 175 1.26 2.75 14.99
CA LEU A 175 2.48 2.77 14.20
C LEU A 175 3.65 2.17 14.96
N SER A 176 4.46 1.40 14.24
CA SER A 176 5.63 0.77 14.81
C SER A 176 6.83 1.25 14.04
N SER A 177 7.86 1.68 14.76
CA SER A 177 9.10 2.17 14.14
C SER A 177 10.28 1.37 14.71
N THR A 178 11.03 0.72 13.83
CA THR A 178 12.17 -0.07 14.27
C THR A 178 13.51 0.52 13.84
N LEU A 179 14.37 0.77 14.81
CA LEU A 179 15.72 1.29 14.55
C LEU A 179 16.67 0.12 14.79
N THR A 180 17.43 -0.24 13.77
CA THR A 180 18.35 -1.37 13.88
C THR A 180 19.82 -0.98 13.73
N LEU A 181 20.63 -1.35 14.72
CA LEU A 181 22.07 -1.07 14.72
C LEU A 181 22.78 -2.38 15.02
N SER A 182 24.10 -2.40 14.85
CA SER A 182 24.86 -3.61 15.15
C SER A 182 25.08 -3.62 16.66
N LYS A 183 25.35 -4.80 17.22
CA LYS A 183 25.60 -4.91 18.64
C LYS A 183 26.68 -3.90 19.03
N ALA A 184 27.80 -3.94 18.31
CA ALA A 184 28.93 -3.05 18.57
C ALA A 184 28.50 -1.58 18.65
N ASP A 185 27.76 -1.11 17.65
CA ASP A 185 27.30 0.28 17.65
C ASP A 185 26.35 0.55 18.80
N TYR A 186 25.45 -0.38 19.06
CA TYR A 186 24.48 -0.23 20.14
C TYR A 186 25.13 -0.03 21.49
N GLU A 187 26.23 -0.75 21.73
CA GLU A 187 26.93 -0.67 23.01
C GLU A 187 27.82 0.55 23.17
N LYS A 188 27.99 1.32 22.10
CA LYS A 188 28.82 2.53 22.15
C LYS A 188 28.00 3.75 22.56
N HIS A 189 26.70 3.56 22.78
CA HIS A 189 25.84 4.68 23.15
C HIS A 189 24.97 4.42 24.37
N LYS A 190 24.50 5.50 24.97
CA LYS A 190 23.68 5.42 26.16
C LYS A 190 22.21 5.73 25.99
N VAL A 191 21.90 6.95 25.56
CA VAL A 191 20.51 7.37 25.39
C VAL A 191 19.88 7.09 24.02
N TYR A 192 18.79 6.33 24.04
CA TYR A 192 18.04 5.98 22.85
C TYR A 192 16.64 6.55 22.99
N ALA A 193 16.27 7.40 22.05
CA ALA A 193 14.95 8.03 22.11
C ALA A 193 14.25 8.18 20.77
N CYS A 194 12.92 8.16 20.82
CA CYS A 194 12.12 8.39 19.64
C CYS A 194 11.24 9.58 19.97
N GLU A 195 11.32 10.58 19.10
CA GLU A 195 10.57 11.81 19.26
C GLU A 195 9.32 11.67 18.41
N VAL A 196 8.17 12.05 18.96
CA VAL A 196 6.92 11.92 18.23
C VAL A 196 6.11 13.21 18.10
N THR A 197 5.66 13.50 16.88
CA THR A 197 4.86 14.68 16.59
C THR A 197 3.50 14.23 16.03
N HIS A 198 2.42 14.78 16.57
CA HIS A 198 1.08 14.43 16.15
C HIS A 198 0.12 15.57 16.49
N GLN A 199 -0.94 15.72 15.72
CA GLN A 199 -1.92 16.78 15.95
C GLN A 199 -2.49 16.76 17.37
N GLY A 200 -2.60 15.55 17.93
CA GLY A 200 -3.14 15.41 19.28
C GLY A 200 -2.14 15.74 20.38
N LEU A 201 -0.92 16.10 19.99
CA LEU A 201 0.11 16.43 20.96
C LEU A 201 0.41 17.92 20.96
N SER A 202 0.18 18.55 22.11
CA SER A 202 0.44 19.97 22.28
C SER A 202 1.88 20.27 21.87
N SER A 203 2.79 19.38 22.26
CA SER A 203 4.20 19.53 21.94
C SER A 203 4.80 18.16 21.63
N PRO A 204 5.95 18.12 20.94
CA PRO A 204 6.58 16.83 20.62
C PRO A 204 6.80 16.02 21.88
N VAL A 205 6.54 14.72 21.79
CA VAL A 205 6.73 13.85 22.94
C VAL A 205 7.96 12.98 22.77
N THR A 206 8.72 12.81 23.86
CA THR A 206 9.92 12.00 23.81
C THR A 206 9.84 10.83 24.77
N LYS A 207 10.13 9.64 24.24
CA LYS A 207 10.13 8.43 25.03
C LYS A 207 11.52 7.88 24.83
N SER A 208 12.19 7.51 25.92
CA SER A 208 13.56 7.01 25.80
C SER A 208 14.02 6.23 27.01
N PHE A 209 15.17 5.59 26.86
CA PHE A 209 15.79 4.85 27.94
C PHE A 209 17.28 5.12 27.89
N ASN A 210 17.92 5.03 29.05
CA ASN A 210 19.34 5.27 29.17
C ASN A 210 20.00 3.95 29.56
N ARG A 211 20.49 3.21 28.57
CA ARG A 211 21.13 1.93 28.83
C ARG A 211 22.44 2.06 29.61
N GLY A 212 22.84 3.31 29.87
CA GLY A 212 24.06 3.57 30.60
C GLY A 212 23.77 3.94 32.04
N GLU A 213 22.50 3.93 32.39
CA GLU A 213 22.05 4.25 33.74
C GLU A 213 21.25 3.06 34.26
N ARG B 1 -20.24 -8.82 -17.43
CA ARG B 1 -19.97 -9.74 -18.57
C ARG B 1 -18.50 -9.81 -18.93
N ILE B 2 -17.75 -8.74 -18.68
CA ILE B 2 -16.31 -8.73 -18.97
C ILE B 2 -15.49 -9.14 -17.76
N THR B 3 -14.64 -10.15 -17.94
CA THR B 3 -13.76 -10.63 -16.88
C THR B 3 -12.34 -10.78 -17.40
N LEU B 4 -11.37 -10.34 -16.60
CA LEU B 4 -9.96 -10.44 -16.97
C LEU B 4 -9.17 -11.06 -15.83
N LYS B 5 -8.22 -11.93 -16.15
CA LYS B 5 -7.39 -12.56 -15.13
C LYS B 5 -5.90 -12.61 -15.51
N GLU B 6 -5.08 -12.08 -14.63
CA GLU B 6 -3.64 -12.07 -14.84
C GLU B 6 -3.01 -13.36 -14.29
N SER B 7 -2.05 -13.89 -15.03
CA SER B 7 -1.35 -15.10 -14.59
C SER B 7 0.13 -14.87 -14.84
N GLY B 8 0.97 -15.51 -14.02
CA GLY B 8 2.40 -15.36 -14.14
C GLY B 8 3.09 -15.83 -12.87
N PRO B 9 4.43 -15.71 -12.80
CA PRO B 9 5.17 -16.13 -11.61
C PRO B 9 5.09 -15.11 -10.48
N PRO B 10 4.88 -15.58 -9.24
CA PRO B 10 4.81 -14.66 -8.12
C PRO B 10 6.20 -14.17 -7.68
N LEU B 11 7.23 -14.88 -8.10
CA LEU B 11 8.60 -14.54 -7.72
C LEU B 11 9.58 -14.70 -8.88
N VAL B 12 10.36 -13.65 -9.12
CA VAL B 12 11.36 -13.65 -10.18
C VAL B 12 12.65 -13.02 -9.66
N LYS B 13 13.77 -13.49 -10.18
CA LYS B 13 15.07 -12.97 -9.75
C LYS B 13 15.52 -11.79 -10.60
N PRO B 14 16.28 -10.86 -9.98
CA PRO B 14 16.77 -9.69 -10.72
C PRO B 14 17.49 -10.12 -12.00
N THR B 15 17.31 -9.33 -13.07
CA THR B 15 17.90 -9.55 -14.40
C THR B 15 17.13 -10.55 -15.24
N GLN B 16 16.09 -11.14 -14.66
CA GLN B 16 15.37 -12.14 -15.44
C GLN B 16 14.28 -11.46 -16.21
N THR B 17 13.58 -12.24 -17.02
CA THR B 17 12.49 -11.72 -17.81
C THR B 17 11.17 -12.15 -17.19
N LEU B 18 10.29 -11.17 -16.99
CA LEU B 18 8.98 -11.44 -16.41
C LEU B 18 7.94 -11.46 -17.54
N THR B 19 7.20 -12.56 -17.64
CA THR B 19 6.16 -12.69 -18.66
C THR B 19 4.80 -12.79 -17.98
N LEU B 20 3.94 -11.80 -18.20
CA LEU B 20 2.60 -11.79 -17.62
C LEU B 20 1.56 -11.99 -18.70
N THR B 21 0.54 -12.78 -18.38
CA THR B 21 -0.52 -13.06 -19.34
C THR B 21 -1.88 -12.63 -18.82
N CYS B 22 -2.63 -11.97 -19.69
CA CYS B 22 -3.97 -11.54 -19.36
C CYS B 22 -4.91 -12.38 -20.19
N SER B 23 -5.77 -13.14 -19.52
CA SER B 23 -6.75 -13.96 -20.21
C SER B 23 -8.09 -13.34 -19.90
N PHE B 24 -8.91 -13.13 -20.92
CA PHE B 24 -10.20 -12.48 -20.71
C PHE B 24 -11.39 -13.10 -21.43
N SER B 25 -12.58 -12.68 -21.01
CA SER B 25 -13.83 -13.12 -21.61
C SER B 25 -14.82 -11.96 -21.56
N GLY B 26 -15.83 -11.97 -22.42
CA GLY B 26 -16.79 -10.89 -22.41
C GLY B 26 -16.58 -9.92 -23.56
N PHE B 27 -15.43 -9.99 -24.21
CA PHE B 27 -15.14 -9.15 -25.35
C PHE B 27 -14.11 -9.83 -26.22
N SER B 28 -13.88 -9.27 -27.39
CA SER B 28 -12.92 -9.82 -28.33
C SER B 28 -11.96 -8.73 -28.72
N LEU B 29 -10.68 -9.08 -28.87
CA LEU B 29 -9.71 -8.07 -29.25
C LEU B 29 -9.99 -7.67 -30.70
N SER B 30 -11.01 -8.30 -31.29
CA SER B 30 -11.41 -8.00 -32.65
C SER B 30 -12.45 -6.86 -32.63
N ASP B 31 -12.93 -6.53 -31.43
CA ASP B 31 -13.90 -5.43 -31.30
C ASP B 31 -13.16 -4.18 -31.76
N PHE B 32 -13.81 -3.39 -32.61
CA PHE B 32 -13.19 -2.17 -33.13
C PHE B 32 -12.62 -1.21 -32.09
N GLY B 33 -11.32 -0.95 -32.19
CA GLY B 33 -10.66 -0.02 -31.29
C GLY B 33 -10.49 -0.44 -29.84
N VAL B 34 -10.86 -1.66 -29.50
CA VAL B 34 -10.72 -2.12 -28.14
C VAL B 34 -9.24 -2.13 -27.75
N GLY B 35 -8.99 -1.92 -26.47
CA GLY B 35 -7.63 -1.92 -25.97
C GLY B 35 -7.53 -2.71 -24.68
N VAL B 36 -6.34 -3.26 -24.43
CA VAL B 36 -6.06 -3.99 -23.21
C VAL B 36 -4.77 -3.34 -22.70
N GLY B 37 -4.82 -2.78 -21.51
CA GLY B 37 -3.63 -2.13 -20.97
C GLY B 37 -3.14 -2.78 -19.69
N TRP B 38 -1.92 -2.44 -19.30
CA TRP B 38 -1.32 -2.94 -18.07
C TRP B 38 -0.98 -1.77 -17.16
N ILE B 39 -1.30 -1.91 -15.88
CA ILE B 39 -1.03 -0.89 -14.88
C ILE B 39 -0.44 -1.64 -13.67
N ARG B 40 0.58 -1.07 -13.03
CA ARG B 40 1.21 -1.70 -11.86
C ARG B 40 0.99 -0.80 -10.64
N GLN B 41 1.04 -1.43 -9.46
CA GLN B 41 0.89 -0.68 -8.22
C GLN B 41 1.94 -1.16 -7.24
N PRO B 42 3.06 -0.43 -7.12
CA PRO B 42 4.07 -0.88 -6.17
C PRO B 42 3.56 -0.75 -4.73
N PRO B 43 4.08 -1.58 -3.82
CA PRO B 43 3.69 -1.58 -2.41
C PRO B 43 3.48 -0.18 -1.83
N GLY B 44 2.28 0.06 -1.30
CA GLY B 44 1.96 1.35 -0.71
C GLY B 44 2.08 2.57 -1.61
N LYS B 45 1.95 2.38 -2.92
CA LYS B 45 2.06 3.52 -3.82
C LYS B 45 0.88 3.64 -4.79
N ALA B 46 0.93 4.68 -5.63
CA ALA B 46 -0.14 4.93 -6.59
C ALA B 46 -0.08 4.03 -7.82
N LEU B 47 -1.13 4.08 -8.63
CA LEU B 47 -1.21 3.30 -9.86
C LEU B 47 -0.20 3.88 -10.85
N GLU B 48 0.42 3.00 -11.63
CA GLU B 48 1.43 3.39 -12.59
C GLU B 48 1.14 2.74 -13.95
N TRP B 49 0.90 3.56 -14.96
CA TRP B 49 0.59 3.07 -16.31
C TRP B 49 1.82 2.47 -16.98
N LEU B 50 1.66 1.28 -17.56
CA LEU B 50 2.76 0.59 -18.20
C LEU B 50 2.71 0.51 -19.72
N ALA B 51 1.59 0.04 -20.25
CA ALA B 51 1.45 -0.10 -21.70
C ALA B 51 0.02 -0.43 -22.09
N ILE B 52 -0.24 -0.35 -23.39
CA ILE B 52 -1.55 -0.67 -23.94
C ILE B 52 -1.37 -1.14 -25.38
N ILE B 53 -2.24 -2.07 -25.79
CA ILE B 53 -2.22 -2.60 -27.13
C ILE B 53 -3.68 -2.57 -27.60
N TYR B 54 -3.89 -2.33 -28.89
CA TYR B 54 -5.25 -2.25 -29.42
C TYR B 54 -5.60 -3.33 -30.43
N SER B 55 -6.88 -3.37 -30.79
CA SER B 55 -7.39 -4.35 -31.75
C SER B 55 -6.61 -4.33 -33.06
N ASP B 56 -6.07 -3.18 -33.45
CA ASP B 56 -5.34 -3.07 -34.69
C ASP B 56 -3.83 -3.32 -34.57
N ASP B 57 -3.41 -3.80 -33.40
CA ASP B 57 -2.02 -4.09 -33.09
C ASP B 57 -1.18 -2.85 -32.80
N ASP B 58 -1.85 -1.70 -32.74
CA ASP B 58 -1.19 -0.43 -32.41
C ASP B 58 -0.83 -0.62 -30.92
N LYS B 59 0.26 0.00 -30.45
CA LYS B 59 0.66 -0.14 -29.06
C LYS B 59 1.56 0.98 -28.58
N ARG B 60 1.55 1.21 -27.27
CA ARG B 60 2.38 2.23 -26.65
C ARG B 60 2.90 1.74 -25.30
N TYR B 61 4.03 2.29 -24.88
CA TYR B 61 4.66 1.92 -23.61
C TYR B 61 5.01 3.16 -22.80
N SER B 62 5.09 3.01 -21.49
CA SER B 62 5.50 4.12 -20.64
C SER B 62 6.88 4.44 -21.21
N PRO B 63 7.13 5.72 -21.55
CA PRO B 63 8.43 6.06 -22.12
C PRO B 63 9.66 5.70 -21.28
N SER B 64 9.55 5.74 -19.96
CA SER B 64 10.70 5.40 -19.12
C SER B 64 10.93 3.89 -18.98
N LEU B 65 10.02 3.07 -19.49
CA LEU B 65 10.17 1.62 -19.40
C LEU B 65 10.10 1.01 -20.79
N ASN B 66 10.02 1.86 -21.79
CA ASN B 66 9.91 1.39 -23.16
C ASN B 66 10.99 0.40 -23.63
N THR B 67 12.23 0.52 -23.16
CA THR B 67 13.25 -0.43 -23.60
C THR B 67 13.10 -1.81 -22.96
N ARG B 68 12.42 -1.89 -21.83
CA ARG B 68 12.26 -3.18 -21.17
C ARG B 68 10.88 -3.85 -21.37
N LEU B 69 9.95 -3.14 -21.99
CA LEU B 69 8.61 -3.70 -22.19
C LEU B 69 8.23 -4.04 -23.62
N THR B 70 7.48 -5.14 -23.76
CA THR B 70 6.98 -5.57 -25.04
C THR B 70 5.57 -6.09 -24.79
N ILE B 71 4.59 -5.60 -25.56
CA ILE B 71 3.22 -6.07 -25.39
C ILE B 71 2.74 -6.72 -26.67
N THR B 72 2.07 -7.85 -26.54
CA THR B 72 1.57 -8.61 -27.69
C THR B 72 0.17 -9.14 -27.45
N LYS B 73 -0.43 -9.69 -28.49
CA LYS B 73 -1.77 -10.24 -28.37
C LYS B 73 -2.02 -11.42 -29.30
N ASP B 74 -3.02 -12.21 -28.96
CA ASP B 74 -3.45 -13.35 -29.77
C ASP B 74 -4.96 -13.23 -29.71
N THR B 75 -5.54 -12.62 -30.72
CA THR B 75 -6.99 -12.41 -30.74
C THR B 75 -7.83 -13.67 -30.80
N SER B 76 -7.23 -14.80 -31.18
CA SER B 76 -8.00 -16.03 -31.24
C SER B 76 -8.01 -16.74 -29.88
N LYS B 77 -7.15 -16.29 -28.97
CA LYS B 77 -7.08 -16.90 -27.64
C LYS B 77 -7.58 -15.99 -26.51
N ASN B 78 -8.02 -14.78 -26.86
CA ASN B 78 -8.48 -13.83 -25.87
C ASN B 78 -7.40 -13.58 -24.82
N GLN B 79 -6.17 -13.44 -25.28
CA GLN B 79 -5.05 -13.19 -24.38
C GLN B 79 -4.13 -12.07 -24.86
N VAL B 80 -3.53 -11.39 -23.89
CA VAL B 80 -2.57 -10.32 -24.14
C VAL B 80 -1.42 -10.61 -23.18
N VAL B 81 -0.19 -10.48 -23.69
CA VAL B 81 0.99 -10.76 -22.89
C VAL B 81 1.88 -9.53 -22.74
N LEU B 82 2.42 -9.34 -21.54
CA LEU B 82 3.34 -8.25 -21.29
C LEU B 82 4.65 -8.89 -20.86
N VAL B 83 5.72 -8.54 -21.55
CA VAL B 83 7.04 -9.07 -21.22
C VAL B 83 7.90 -7.91 -20.75
N MET B 84 8.53 -8.08 -19.60
CA MET B 84 9.41 -7.07 -19.01
C MET B 84 10.78 -7.73 -18.79
N THR B 85 11.81 -7.18 -19.44
CA THR B 85 13.17 -7.72 -19.35
C THR B 85 13.98 -7.03 -18.26
N ARG B 86 15.10 -7.66 -17.89
CA ARG B 86 16.01 -7.14 -16.88
C ARG B 86 15.30 -6.51 -15.67
N VAL B 87 14.48 -7.30 -14.99
CA VAL B 87 13.76 -6.78 -13.85
C VAL B 87 14.67 -6.58 -12.66
N SER B 88 14.25 -5.75 -11.72
CA SER B 88 15.00 -5.49 -10.51
C SER B 88 13.97 -5.37 -9.39
N PRO B 89 14.41 -5.40 -8.11
CA PRO B 89 13.43 -5.30 -7.02
C PRO B 89 12.51 -4.06 -7.11
N VAL B 90 12.95 -3.05 -7.84
CA VAL B 90 12.13 -1.85 -7.99
C VAL B 90 10.83 -2.22 -8.74
N ASP B 91 10.86 -3.34 -9.47
CA ASP B 91 9.68 -3.79 -10.22
C ASP B 91 8.67 -4.60 -9.39
N THR B 92 8.96 -4.78 -8.10
CA THR B 92 8.04 -5.51 -7.25
C THR B 92 6.74 -4.71 -7.18
N ALA B 93 5.62 -5.35 -7.52
CA ALA B 93 4.35 -4.65 -7.50
C ALA B 93 3.21 -5.59 -7.82
N THR B 94 1.99 -5.07 -7.72
CA THR B 94 0.83 -5.85 -8.11
C THR B 94 0.52 -5.33 -9.51
N TYR B 95 0.48 -6.24 -10.47
CA TYR B 95 0.21 -5.90 -11.86
C TYR B 95 -1.23 -6.21 -12.26
N PHE B 96 -1.88 -5.25 -12.90
CA PHE B 96 -3.27 -5.44 -13.35
C PHE B 96 -3.38 -5.26 -14.86
N CYS B 97 -4.27 -6.03 -15.48
CA CYS B 97 -4.55 -5.77 -16.90
C CYS B 97 -5.95 -5.17 -16.88
N ALA B 98 -6.29 -4.42 -17.92
CA ALA B 98 -7.60 -3.78 -17.95
C ALA B 98 -8.07 -3.53 -19.36
N HIS B 99 -9.39 -3.54 -19.51
CA HIS B 99 -10.06 -3.33 -20.77
C HIS B 99 -10.31 -1.85 -21.01
N ARG B 100 -10.22 -1.45 -22.28
CA ARG B 100 -10.48 -0.07 -22.67
C ARG B 100 -11.44 -0.19 -23.84
N ARG B 101 -12.61 0.44 -23.70
CA ARG B 101 -13.61 0.41 -24.75
C ARG B 101 -13.13 1.13 -25.98
N GLY B 102 -13.64 0.69 -27.13
CA GLY B 102 -13.33 1.35 -28.38
C GLY B 102 -14.39 2.45 -28.47
N PRO B 103 -14.37 3.30 -29.51
CA PRO B 103 -15.39 4.34 -29.57
C PRO B 103 -16.78 3.87 -29.96
N THR B 104 -17.78 4.69 -29.64
CA THR B 104 -19.15 4.37 -29.99
C THR B 104 -19.18 4.25 -31.51
N THR B 105 -19.79 3.18 -32.02
CA THR B 105 -19.91 3.01 -33.46
C THR B 105 -21.37 2.80 -33.81
N LEU B 106 -21.79 3.33 -34.95
CA LEU B 106 -23.17 3.19 -35.40
C LEU B 106 -23.13 2.43 -36.71
N PHE B 107 -23.63 1.20 -36.69
CA PHE B 107 -23.62 0.35 -37.87
C PHE B 107 -22.22 0.37 -38.48
N GLY B 108 -21.22 0.21 -37.62
CA GLY B 108 -19.83 0.19 -38.06
C GLY B 108 -19.07 1.50 -37.99
N VAL B 109 -19.78 2.61 -38.17
CA VAL B 109 -19.14 3.93 -38.15
C VAL B 109 -18.84 4.48 -36.77
N PRO B 110 -17.59 4.89 -36.51
CA PRO B 110 -17.15 5.46 -35.24
C PRO B 110 -17.77 6.85 -35.13
N ILE B 111 -18.68 7.04 -34.18
CA ILE B 111 -19.33 8.34 -34.06
C ILE B 111 -19.11 9.10 -32.75
N ALA B 112 -18.45 8.49 -31.78
CA ALA B 112 -18.22 9.19 -30.53
C ALA B 112 -17.04 8.68 -29.72
N ARG B 113 -16.19 9.62 -29.32
CA ARG B 113 -15.00 9.35 -28.52
C ARG B 113 -15.27 8.95 -27.06
N GLY B 114 -16.20 9.67 -26.43
CA GLY B 114 -16.54 9.46 -25.03
C GLY B 114 -16.19 8.19 -24.27
N PRO B 115 -16.76 7.04 -24.64
CA PRO B 115 -16.53 5.73 -24.01
C PRO B 115 -15.08 5.29 -23.85
N VAL B 116 -14.19 5.73 -24.73
CA VAL B 116 -12.79 5.33 -24.64
C VAL B 116 -12.03 6.00 -23.49
N ASN B 117 -12.59 7.04 -22.90
CA ASN B 117 -11.81 7.71 -21.86
C ASN B 117 -11.89 7.14 -20.45
N ALA B 118 -11.37 5.92 -20.32
CA ALA B 118 -11.31 5.19 -19.06
C ALA B 118 -10.95 3.74 -19.31
N MET B 119 -10.53 3.05 -18.26
CA MET B 119 -10.23 1.63 -18.32
C MET B 119 -11.40 1.14 -17.46
N ASP B 120 -12.46 0.70 -18.13
CA ASP B 120 -13.69 0.28 -17.45
C ASP B 120 -13.72 -1.04 -16.69
N VAL B 121 -12.86 -1.98 -17.05
CA VAL B 121 -12.83 -3.26 -16.32
C VAL B 121 -11.40 -3.69 -16.09
N TRP B 122 -11.07 -3.94 -14.82
CA TRP B 122 -9.73 -4.35 -14.41
C TRP B 122 -9.71 -5.79 -13.92
N GLY B 123 -8.58 -6.45 -14.07
CA GLY B 123 -8.45 -7.81 -13.59
C GLY B 123 -8.21 -7.80 -12.08
N GLN B 124 -8.20 -8.97 -11.47
CA GLN B 124 -8.00 -9.07 -10.01
C GLN B 124 -6.60 -8.59 -9.61
N GLY B 125 -5.63 -8.74 -10.49
CA GLY B 125 -4.27 -8.30 -10.19
C GLY B 125 -3.38 -9.43 -9.73
N ILE B 126 -2.11 -9.39 -10.11
CA ILE B 126 -1.16 -10.42 -9.70
C ILE B 126 0.04 -9.74 -9.04
N THR B 127 0.36 -10.17 -7.82
CA THR B 127 1.48 -9.59 -7.10
C THR B 127 2.76 -10.32 -7.48
N VAL B 128 3.73 -9.58 -8.01
CA VAL B 128 4.99 -10.16 -8.42
C VAL B 128 6.12 -9.55 -7.61
N THR B 129 6.92 -10.41 -7.00
CA THR B 129 8.05 -9.94 -6.21
C THR B 129 9.34 -10.28 -6.94
N ILE B 130 10.24 -9.32 -7.01
CA ILE B 130 11.53 -9.52 -7.66
C ILE B 130 12.58 -9.47 -6.56
N SER B 131 13.25 -10.59 -6.33
CA SER B 131 14.26 -10.69 -5.28
C SER B 131 15.16 -11.91 -5.48
N SER B 132 16.39 -11.80 -5.02
CA SER B 132 17.32 -12.91 -5.14
C SER B 132 17.57 -13.52 -3.76
N THR B 133 16.76 -13.11 -2.79
CA THR B 133 16.88 -13.63 -1.42
C THR B 133 16.43 -15.08 -1.37
N SER B 134 17.13 -15.87 -0.57
CA SER B 134 16.80 -17.28 -0.42
C SER B 134 15.81 -17.44 0.72
N THR B 135 15.03 -18.51 0.68
CA THR B 135 14.05 -18.78 1.72
C THR B 135 14.72 -18.82 3.08
N LYS B 136 14.11 -18.17 4.07
CA LYS B 136 14.67 -18.15 5.42
C LYS B 136 13.60 -17.90 6.48
N GLY B 137 13.59 -18.75 7.51
CA GLY B 137 12.64 -18.59 8.58
C GLY B 137 13.07 -17.45 9.49
N PRO B 138 12.13 -16.85 10.23
CA PRO B 138 12.46 -15.74 11.12
C PRO B 138 12.94 -16.11 12.52
N SER B 139 13.57 -15.15 13.18
CA SER B 139 14.00 -15.30 14.55
C SER B 139 12.93 -14.48 15.25
N VAL B 140 12.41 -14.98 16.37
CA VAL B 140 11.37 -14.24 17.08
C VAL B 140 11.91 -13.68 18.38
N PHE B 141 11.88 -12.37 18.52
CA PHE B 141 12.38 -11.74 19.73
C PHE B 141 11.26 -11.08 20.52
N PRO B 142 11.37 -11.11 21.85
CA PRO B 142 10.36 -10.51 22.72
C PRO B 142 10.48 -8.99 22.83
N LEU B 143 9.33 -8.34 22.90
CA LEU B 143 9.24 -6.89 23.09
C LEU B 143 8.67 -6.87 24.50
N ALA B 144 9.57 -6.95 25.47
CA ALA B 144 9.22 -7.01 26.89
C ALA B 144 8.54 -5.78 27.49
N PRO B 145 7.49 -6.00 28.28
CA PRO B 145 6.74 -4.93 28.96
C PRO B 145 7.62 -4.37 30.07
N SER B 146 7.50 -3.08 30.33
CA SER B 146 8.27 -2.43 31.39
C SER B 146 7.65 -1.08 31.68
N SER B 147 8.26 -0.32 32.58
CA SER B 147 7.74 0.99 32.93
C SER B 147 7.68 1.89 31.68
N LYS B 148 8.58 1.65 30.74
CA LYS B 148 8.64 2.44 29.51
C LYS B 148 7.60 2.02 28.47
N SER B 149 6.91 0.91 28.73
CA SER B 149 5.88 0.43 27.81
C SER B 149 4.56 0.31 28.56
N THR B 150 4.44 1.08 29.63
CA THR B 150 3.24 1.06 30.45
C THR B 150 2.62 2.46 30.62
N SER B 151 1.33 2.56 30.36
CA SER B 151 0.62 3.82 30.49
C SER B 151 -0.55 3.64 31.45
N GLY B 152 -0.37 4.11 32.68
CA GLY B 152 -1.42 3.97 33.67
C GLY B 152 -1.60 2.50 34.01
N GLY B 153 -2.79 1.96 33.71
CA GLY B 153 -3.06 0.57 33.99
C GLY B 153 -2.93 -0.31 32.77
N THR B 154 -2.47 0.27 31.67
CA THR B 154 -2.31 -0.46 30.42
C THR B 154 -0.84 -0.61 30.01
N ALA B 155 -0.42 -1.86 29.84
CA ALA B 155 0.95 -2.15 29.44
C ALA B 155 0.97 -2.77 28.05
N ALA B 156 2.00 -2.42 27.27
CA ALA B 156 2.15 -2.95 25.92
C ALA B 156 3.30 -3.94 25.88
N LEU B 157 3.15 -4.99 25.08
CA LEU B 157 4.18 -6.00 24.94
C LEU B 157 4.04 -6.60 23.54
N GLY B 158 5.02 -7.38 23.11
CA GLY B 158 4.91 -7.97 21.79
C GLY B 158 6.07 -8.83 21.33
N CYS B 159 6.02 -9.20 20.05
CA CYS B 159 7.05 -10.01 19.43
C CYS B 159 7.58 -9.32 18.18
N LEU B 160 8.87 -9.50 17.93
CA LEU B 160 9.53 -8.94 16.76
C LEU B 160 9.94 -10.13 15.91
N VAL B 161 9.24 -10.32 14.79
CA VAL B 161 9.51 -11.41 13.86
C VAL B 161 10.52 -10.85 12.87
N LYS B 162 11.78 -11.21 13.02
CA LYS B 162 12.82 -10.64 12.18
C LYS B 162 13.57 -11.52 11.18
N ASP B 163 13.86 -10.93 10.03
CA ASP B 163 14.61 -11.56 8.94
C ASP B 163 14.07 -12.85 8.35
N TYR B 164 13.04 -12.75 7.53
CA TYR B 164 12.47 -13.92 6.90
C TYR B 164 12.17 -13.65 5.44
N PHE B 165 11.99 -14.71 4.66
CA PHE B 165 11.69 -14.60 3.24
C PHE B 165 11.22 -15.95 2.73
N PRO B 166 10.16 -15.96 1.91
CA PRO B 166 9.43 -14.77 1.48
C PRO B 166 8.18 -14.58 2.33
N GLU B 167 7.32 -13.66 1.92
CA GLU B 167 6.07 -13.45 2.63
C GLU B 167 5.25 -14.70 2.32
N PRO B 168 4.25 -15.01 3.15
CA PRO B 168 3.84 -14.26 4.33
C PRO B 168 4.16 -15.03 5.60
N VAL B 169 3.81 -14.43 6.74
CA VAL B 169 3.98 -15.04 8.04
C VAL B 169 2.72 -14.67 8.80
N THR B 170 2.25 -15.58 9.65
CA THR B 170 1.05 -15.31 10.44
C THR B 170 1.41 -15.32 11.91
N VAL B 171 0.69 -14.52 12.68
CA VAL B 171 0.94 -14.44 14.11
C VAL B 171 -0.36 -14.45 14.90
N SER B 172 -0.36 -15.19 16.00
CA SER B 172 -1.51 -15.26 16.90
C SER B 172 -0.95 -15.20 18.32
N TRP B 173 -1.79 -14.81 19.27
CA TRP B 173 -1.38 -14.74 20.66
C TRP B 173 -2.16 -15.74 21.50
N ASN B 174 -1.44 -16.51 22.30
CA ASN B 174 -2.02 -17.53 23.16
C ASN B 174 -2.87 -18.50 22.35
N SER B 175 -2.35 -18.89 21.19
CA SER B 175 -3.04 -19.81 20.30
C SER B 175 -4.38 -19.26 19.81
N GLY B 176 -4.47 -17.94 19.71
CA GLY B 176 -5.70 -17.33 19.24
C GLY B 176 -6.67 -16.96 20.34
N ALA B 177 -6.34 -17.34 21.57
CA ALA B 177 -7.21 -17.04 22.71
C ALA B 177 -7.22 -15.53 22.95
N LEU B 178 -6.11 -14.88 22.60
CA LEU B 178 -5.99 -13.44 22.78
C LEU B 178 -5.99 -12.72 21.44
N THR B 179 -6.99 -11.88 21.22
CA THR B 179 -7.09 -11.12 19.98
C THR B 179 -7.42 -9.67 20.29
N SER B 180 -8.08 -9.45 21.44
CA SER B 180 -8.45 -8.11 21.85
C SER B 180 -7.24 -7.28 22.25
N GLY B 181 -7.01 -6.19 21.53
CA GLY B 181 -5.89 -5.32 21.84
C GLY B 181 -4.64 -5.67 21.05
N VAL B 182 -4.75 -6.65 20.16
CA VAL B 182 -3.62 -7.09 19.35
C VAL B 182 -3.44 -6.23 18.10
N HIS B 183 -2.18 -6.01 17.74
CA HIS B 183 -1.84 -5.21 16.56
C HIS B 183 -0.65 -5.83 15.84
N THR B 184 -0.91 -6.51 14.72
CA THR B 184 0.15 -7.12 13.93
C THR B 184 0.39 -6.22 12.72
N PHE B 185 1.56 -5.60 12.67
CA PHE B 185 1.88 -4.67 11.59
C PHE B 185 2.30 -5.27 10.26
N PRO B 186 2.00 -4.58 9.14
CA PRO B 186 2.38 -5.09 7.83
C PRO B 186 3.90 -5.19 7.88
N ALA B 187 4.47 -6.19 7.22
CA ALA B 187 5.91 -6.36 7.22
C ALA B 187 6.61 -5.24 6.46
N VAL B 188 7.90 -5.05 6.76
CA VAL B 188 8.70 -4.05 6.06
C VAL B 188 9.83 -4.83 5.39
N LEU B 189 10.25 -4.38 4.21
CA LEU B 189 11.33 -5.06 3.50
C LEU B 189 12.63 -4.35 3.81
N GLN B 190 13.56 -5.07 4.41
CA GLN B 190 14.86 -4.52 4.80
C GLN B 190 15.84 -4.42 3.62
N SER B 191 16.86 -3.59 3.78
CA SER B 191 17.87 -3.40 2.75
C SER B 191 18.56 -4.72 2.42
N SER B 192 18.54 -5.65 3.37
CA SER B 192 19.16 -6.95 3.19
C SER B 192 18.32 -7.84 2.27
N GLY B 193 17.06 -7.47 2.07
CA GLY B 193 16.20 -8.27 1.22
C GLY B 193 15.30 -9.18 2.05
N LEU B 194 15.41 -9.07 3.36
CA LEU B 194 14.61 -9.88 4.27
C LEU B 194 13.48 -9.06 4.89
N TYR B 195 12.38 -9.72 5.22
CA TYR B 195 11.25 -9.04 5.82
C TYR B 195 11.29 -9.07 7.35
N SER B 196 10.54 -8.15 7.96
CA SER B 196 10.43 -8.07 9.41
C SER B 196 9.10 -7.43 9.77
N LEU B 197 8.49 -7.93 10.84
CA LEU B 197 7.24 -7.37 11.31
C LEU B 197 7.19 -7.50 12.82
N SER B 198 6.33 -6.72 13.43
CA SER B 198 6.16 -6.77 14.87
C SER B 198 4.68 -6.96 15.15
N SER B 199 4.40 -7.65 16.25
CA SER B 199 3.03 -7.88 16.68
C SER B 199 3.01 -7.50 18.15
N VAL B 200 2.11 -6.60 18.50
CA VAL B 200 2.03 -6.15 19.88
C VAL B 200 0.60 -6.28 20.40
N VAL B 201 0.46 -6.20 21.71
CA VAL B 201 -0.85 -6.29 22.35
C VAL B 201 -0.82 -5.52 23.66
N THR B 202 -1.82 -4.66 23.86
CA THR B 202 -1.92 -3.89 25.07
C THR B 202 -2.78 -4.69 26.05
N VAL B 203 -2.32 -4.80 27.28
CA VAL B 203 -3.04 -5.55 28.31
C VAL B 203 -2.93 -4.85 29.66
N PRO B 204 -3.84 -5.19 30.60
CA PRO B 204 -3.81 -4.57 31.93
C PRO B 204 -2.47 -4.90 32.58
N SER B 205 -1.83 -3.89 33.17
CA SER B 205 -0.55 -4.09 33.82
C SER B 205 -0.66 -5.07 34.99
N SER B 206 -1.83 -5.10 35.62
CA SER B 206 -2.08 -5.99 36.76
C SER B 206 -2.14 -7.45 36.35
N SER B 207 -1.95 -7.73 35.07
CA SER B 207 -1.99 -9.10 34.58
C SER B 207 -0.57 -9.59 34.27
N LEU B 208 0.37 -8.65 34.19
CA LEU B 208 1.74 -8.98 33.87
C LEU B 208 2.40 -9.85 34.93
N GLY B 209 1.69 -10.11 36.02
CA GLY B 209 2.24 -10.93 37.08
C GLY B 209 1.85 -12.39 37.00
N THR B 210 0.60 -12.65 36.62
CA THR B 210 0.10 -14.01 36.51
C THR B 210 -0.14 -14.47 35.08
N GLN B 211 -0.96 -13.72 34.34
CA GLN B 211 -1.28 -14.06 32.95
C GLN B 211 -0.04 -14.32 32.08
N THR B 212 -0.12 -15.37 31.28
CA THR B 212 0.96 -15.75 30.38
C THR B 212 0.66 -15.21 28.98
N TYR B 213 1.70 -14.77 28.28
CA TYR B 213 1.55 -14.24 26.94
C TYR B 213 2.54 -14.91 25.99
N ILE B 214 2.01 -15.56 24.96
CA ILE B 214 2.81 -16.26 23.98
C ILE B 214 2.38 -15.88 22.57
N CYS B 215 3.33 -15.55 21.71
CA CYS B 215 2.98 -15.23 20.33
C CYS B 215 3.32 -16.46 19.50
N ASN B 216 2.38 -16.88 18.68
CA ASN B 216 2.60 -18.05 17.82
C ASN B 216 2.92 -17.55 16.42
N VAL B 217 4.10 -17.90 15.94
CA VAL B 217 4.54 -17.45 14.64
C VAL B 217 4.62 -18.60 13.65
N ASN B 218 4.10 -18.37 12.45
CA ASN B 218 4.12 -19.39 11.42
C ASN B 218 4.60 -18.84 10.08
N HIS B 219 5.67 -19.44 9.56
CA HIS B 219 6.24 -19.06 8.27
C HIS B 219 6.26 -20.32 7.43
N LYS B 220 5.12 -20.63 6.83
CA LYS B 220 4.97 -21.83 6.00
C LYS B 220 6.05 -22.03 4.94
N PRO B 221 6.43 -20.97 4.21
CA PRO B 221 7.45 -21.09 3.17
C PRO B 221 8.73 -21.80 3.60
N SER B 222 9.09 -21.66 4.87
CA SER B 222 10.30 -22.30 5.38
C SER B 222 9.98 -23.43 6.37
N ASN B 223 8.69 -23.70 6.56
CA ASN B 223 8.27 -24.75 7.49
C ASN B 223 8.77 -24.44 8.89
N THR B 224 8.77 -23.15 9.25
CA THR B 224 9.21 -22.72 10.55
C THR B 224 8.04 -22.29 11.42
N LYS B 225 8.02 -22.78 12.65
CA LYS B 225 6.98 -22.45 13.61
C LYS B 225 7.65 -22.16 14.94
N VAL B 226 7.27 -21.06 15.56
CA VAL B 226 7.88 -20.68 16.82
C VAL B 226 6.85 -20.13 17.77
N ASP B 227 7.00 -20.52 19.04
CA ASP B 227 6.15 -20.05 20.11
C ASP B 227 7.07 -19.30 21.05
N LYS B 228 6.86 -18.00 21.19
CA LYS B 228 7.71 -17.19 22.04
C LYS B 228 6.91 -16.58 23.19
N LYS B 229 7.26 -16.97 24.41
CA LYS B 229 6.59 -16.45 25.60
C LYS B 229 7.22 -15.10 25.86
N VAL B 230 6.40 -14.09 26.14
CA VAL B 230 6.92 -12.76 26.39
C VAL B 230 6.70 -12.37 27.85
N GLU B 231 7.80 -12.14 28.56
CA GLU B 231 7.73 -11.79 29.98
C GLU B 231 8.41 -10.44 30.26
N PRO B 232 8.02 -9.78 31.36
CA PRO B 232 8.57 -8.49 31.79
C PRO B 232 10.07 -8.52 32.03
N LYS B 233 10.68 -7.34 32.03
CA LYS B 233 12.11 -7.22 32.29
C LYS B 233 12.33 -7.57 33.76
N SER B 234 13.52 -8.06 34.10
CA SER B 234 13.81 -8.44 35.47
C SER B 234 13.84 -7.25 36.43
N ASP B 236 11.65 -5.53 37.24
CA ASP B 236 10.36 -5.47 37.90
C ASP B 236 10.29 -6.49 39.02
N LYS B 237 9.81 -6.06 40.19
CA LYS B 237 9.69 -6.91 41.37
C LYS B 237 9.87 -8.40 41.11
N LEU C 2 7.42 17.56 -25.92
CA LEU C 2 6.20 17.31 -26.70
C LEU C 2 5.61 15.96 -26.35
N LEU C 3 4.33 15.97 -26.02
CA LEU C 3 3.62 14.75 -25.67
C LEU C 3 2.84 14.24 -26.86
N GLU C 4 2.79 12.92 -27.02
CA GLU C 4 2.04 12.35 -28.12
C GLU C 4 0.57 12.21 -27.73
N LEU C 5 -0.31 12.49 -28.69
CA LEU C 5 -1.74 12.41 -28.46
C LEU C 5 -2.22 10.96 -28.42
N ASP C 6 -3.24 10.74 -27.60
CA ASP C 6 -3.86 9.43 -27.44
C ASP C 6 -4.43 9.01 -28.81
N LYS C 7 -4.60 7.71 -28.99
CA LYS C 7 -5.15 7.15 -30.21
C LYS C 7 -6.48 7.80 -30.67
N TRP C 8 -7.28 8.25 -29.71
CA TRP C 8 -8.58 8.84 -30.03
C TRP C 8 -8.71 10.34 -29.78
N ALA C 9 -7.62 11.01 -29.45
CA ALA C 9 -7.66 12.44 -29.18
C ALA C 9 -8.20 13.29 -30.34
N SER C 10 -8.19 12.74 -31.55
CA SER C 10 -8.67 13.51 -32.70
C SER C 10 -10.10 13.14 -33.12
N LEU C 11 -10.74 12.29 -32.33
CA LEU C 11 -12.10 11.88 -32.64
C LEU C 11 -13.08 12.79 -31.90
N TRP C 12 -14.19 13.11 -32.54
CA TRP C 12 -15.21 13.93 -31.92
C TRP C 12 -15.85 13.07 -30.83
#